data_8XUK
#
_entry.id   8XUK
#
_cell.length_a   52.284
_cell.length_b   76.595
_cell.length_c   94.425
_cell.angle_alpha   90.000
_cell.angle_beta   90.000
_cell.angle_gamma   90.000
#
_symmetry.space_group_name_H-M   'P 21 21 21'
#
loop_
_entity.id
_entity.type
_entity.pdbx_description
1 polymer H744_1c0222
2 non-polymer 'CHLORIDE ION'
3 water water
#
_entity_poly.entity_id   1
_entity_poly.type   'polypeptide(L)'
_entity_poly.pdbx_seq_one_letter_code
;MQTAANDTVISETVKSDQEIIDSLYRGGYAYWQQLRNENGTYEDKLFLNGDRSYVGSIANSGMGLIALTIGHANGWEPEA
EQLALVTLRKLAGRDPNFAVPQNATNTFIHFYNTKTGEAVGDDWSPVDSAIMIYGALFVKNYFSENEEIAELADFLYRNT
DLTQYIADVRTGRIYLAQHTDGTFKKYRTKAFNEYMLVAGIANQQAKDLDNAVNASNAKKFWDIWYASTKFLPVAEYNGI
PVLSEGKTWFTSQFNFLFNNYLMHDFSNHPEFVTALENSAKADFAFWRDVDVEGVELKEYEWGSGAGSCPNGYCVDRFHF
DGDRQFNHNLVVSPHILAGYIPFNDRAKADLISTYRDNTINAKHELEGGYEILWRYSHDQPEWKAEFIEGVDFSTFLFGL
AAMPEHLGMDFFNKYNNYFELEHHHHHH
;
_entity_poly.pdbx_strand_id   A
#
loop_
_chem_comp.id
_chem_comp.type
_chem_comp.name
_chem_comp.formula
CL non-polymer 'CHLORIDE ION' 'Cl -1'
#
# COMPACT_ATOMS: atom_id res chain seq x y z
N VAL A 9 7.70 30.11 4.58
CA VAL A 9 6.86 29.29 5.49
C VAL A 9 5.44 29.88 5.54
N ILE A 10 4.43 29.03 5.31
CA ILE A 10 3.04 29.45 5.32
C ILE A 10 2.56 29.66 6.76
N SER A 11 2.12 30.89 7.09
CA SER A 11 1.74 31.24 8.46
C SER A 11 0.42 30.58 8.86
N GLU A 12 0.25 30.39 10.18
CA GLU A 12 -1.01 29.91 10.70
C GLU A 12 -2.15 30.89 10.43
N THR A 13 -1.87 32.18 10.14
CA THR A 13 -2.93 33.13 9.81
C THR A 13 -3.43 32.89 8.39
N VAL A 14 -2.53 32.61 7.44
CA VAL A 14 -2.97 32.39 6.07
C VAL A 14 -3.74 31.07 6.06
N LYS A 15 -3.20 30.01 6.71
CA LYS A 15 -3.89 28.71 6.74
C LYS A 15 -3.68 28.00 8.06
N SER A 16 -4.78 27.66 8.73
CA SER A 16 -4.70 27.00 10.05
C SER A 16 -4.28 25.53 9.89
N ASP A 17 -3.86 24.91 10.98
CA ASP A 17 -3.54 23.45 10.97
C ASP A 17 -4.79 22.68 10.52
N GLN A 18 -5.95 23.01 11.08
CA GLN A 18 -7.18 22.28 10.70
C GLN A 18 -7.48 22.44 9.20
N GLU A 19 -7.31 23.65 8.65
CA GLU A 19 -7.59 23.86 7.24
C GLU A 19 -6.67 23.02 6.36
N ILE A 20 -5.43 22.91 6.79
CA ILE A 20 -4.48 22.10 6.06
C ILE A 20 -4.91 20.64 6.06
N ILE A 21 -5.17 20.08 7.25
CA ILE A 21 -5.55 18.68 7.35
C ILE A 21 -6.84 18.46 6.54
N ASP A 22 -7.81 19.38 6.59
CA ASP A 22 -9.05 19.17 5.85
C ASP A 22 -8.80 19.17 4.34
N SER A 23 -7.96 20.09 3.85
N SER A 23 -7.95 20.09 3.89
CA SER A 23 -7.61 20.11 2.45
CA SER A 23 -7.55 20.13 2.50
C SER A 23 -6.93 18.81 2.02
C SER A 23 -6.93 18.82 2.04
N LEU A 24 -5.90 18.41 2.83
CA LEU A 24 -5.12 17.21 2.41
C LEU A 24 -5.98 15.94 2.44
N TYR A 25 -6.86 15.84 3.41
CA TYR A 25 -7.72 14.64 3.54
C TYR A 25 -8.67 14.55 2.33
N ARG A 26 -9.33 15.66 1.98
CA ARG A 26 -10.24 15.64 0.79
C ARG A 26 -9.40 15.46 -0.48
N GLY A 27 -8.21 16.05 -0.54
CA GLY A 27 -7.31 15.95 -1.66
C GLY A 27 -6.85 14.52 -1.91
N GLY A 28 -6.63 13.83 -0.81
CA GLY A 28 -6.16 12.47 -0.89
C GLY A 28 -7.21 11.58 -1.52
N TYR A 29 -8.48 11.84 -1.28
CA TYR A 29 -9.54 11.11 -1.96
C TYR A 29 -9.76 11.60 -3.39
N ALA A 30 -9.69 12.91 -3.67
CA ALA A 30 -9.86 13.38 -5.04
C ALA A 30 -8.82 12.72 -5.95
N TYR A 31 -7.61 12.43 -5.44
CA TYR A 31 -6.60 11.71 -6.19
C TYR A 31 -7.20 10.45 -6.80
N TRP A 32 -7.84 9.64 -5.94
CA TRP A 32 -8.43 8.37 -6.40
C TRP A 32 -9.57 8.60 -7.37
N GLN A 33 -10.33 9.63 -7.11
CA GLN A 33 -11.39 9.96 -8.05
C GLN A 33 -10.81 10.26 -9.44
N GLN A 34 -9.62 10.84 -9.52
CA GLN A 34 -9.00 11.21 -10.78
C GLN A 34 -8.23 10.05 -11.40
N LEU A 35 -7.69 9.16 -10.57
CA LEU A 35 -6.97 8.00 -11.07
C LEU A 35 -7.89 6.97 -11.72
N ARG A 36 -9.12 6.90 -11.21
CA ARG A 36 -10.15 5.99 -11.69
C ARG A 36 -10.65 6.33 -13.09
N ASN A 37 -10.75 5.29 -13.92
CA ASN A 37 -11.42 5.44 -15.25
C ASN A 37 -12.88 5.01 -15.14
N GLU A 38 -13.71 5.48 -16.08
CA GLU A 38 -15.13 5.19 -16.09
C GLU A 38 -15.39 3.69 -16.20
N ASN A 39 -14.50 2.93 -16.87
CA ASN A 39 -14.69 1.51 -17.04
C ASN A 39 -14.29 0.75 -15.79
N GLY A 40 -13.95 1.47 -14.71
CA GLY A 40 -13.68 0.81 -13.46
C GLY A 40 -12.23 0.34 -13.30
N THR A 41 -11.37 0.64 -14.28
CA THR A 41 -9.92 0.41 -14.12
C THR A 41 -9.31 1.63 -13.47
N TYR A 42 -8.06 1.48 -13.04
CA TYR A 42 -7.29 2.53 -12.40
C TYR A 42 -5.93 2.62 -13.10
N GLU A 43 -5.56 3.84 -13.48
CA GLU A 43 -4.23 4.15 -14.00
C GLU A 43 -3.18 3.75 -12.97
N ASP A 44 -1.96 3.47 -13.45
CA ASP A 44 -0.77 3.27 -12.57
C ASP A 44 -0.39 4.61 -11.97
N LYS A 45 -0.33 5.65 -12.81
CA LYS A 45 0.12 6.98 -12.37
C LYS A 45 -0.90 8.05 -12.68
N LEU A 46 -0.98 9.03 -11.80
CA LEU A 46 -1.81 10.22 -12.10
C LEU A 46 -0.84 11.28 -12.59
N PHE A 47 -1.05 11.82 -13.80
CA PHE A 47 -0.22 12.90 -14.34
C PHE A 47 -0.77 14.24 -13.89
N LEU A 48 0.00 15.06 -13.21
CA LEU A 48 -0.47 16.32 -12.66
C LEU A 48 -0.95 17.32 -13.74
N ASN A 49 -0.56 17.10 -14.99
CA ASN A 49 -1.04 17.97 -16.05
C ASN A 49 -2.32 17.48 -16.72
N GLY A 50 -2.88 16.34 -16.28
CA GLY A 50 -4.14 15.87 -16.85
C GLY A 50 -3.93 14.86 -17.98
N ASP A 51 -2.68 14.62 -18.28
CA ASP A 51 -2.39 13.54 -19.26
C ASP A 51 -2.92 12.19 -18.73
N ARG A 52 -3.08 11.24 -19.63
CA ARG A 52 -3.44 9.89 -19.21
C ARG A 52 -2.73 8.94 -20.19
N SER A 53 -1.92 8.03 -19.67
CA SER A 53 -1.12 7.13 -20.55
C SER A 53 -1.94 5.90 -20.92
N TYR A 54 -3.06 5.67 -20.24
CA TYR A 54 -3.86 4.45 -20.35
C TYR A 54 -3.05 3.22 -19.97
N VAL A 55 -2.04 3.37 -19.11
CA VAL A 55 -1.37 2.25 -18.48
C VAL A 55 -1.96 2.10 -17.07
N GLY A 56 -2.62 0.99 -16.84
CA GLY A 56 -3.28 0.66 -15.60
C GLY A 56 -2.42 -0.24 -14.71
N SER A 57 -2.75 -0.29 -13.42
CA SER A 57 -2.15 -1.19 -12.47
C SER A 57 -3.23 -2.03 -11.81
N ILE A 58 -3.01 -3.34 -11.76
CA ILE A 58 -3.97 -4.18 -11.07
C ILE A 58 -4.05 -3.84 -9.59
N ALA A 59 -2.91 -3.55 -8.98
CA ALA A 59 -2.88 -3.19 -7.57
C ALA A 59 -3.74 -1.99 -7.27
N ASN A 60 -3.79 -1.05 -8.19
CA ASN A 60 -4.55 0.16 -7.95
C ASN A 60 -6.07 -0.09 -8.01
N SER A 61 -6.53 -1.18 -8.63
CA SER A 61 -7.92 -1.57 -8.42
C SER A 61 -8.14 -1.94 -6.97
N GLY A 62 -7.23 -2.62 -6.31
CA GLY A 62 -7.47 -2.91 -4.92
C GLY A 62 -7.42 -1.68 -4.03
N MET A 63 -6.37 -0.87 -4.18
CA MET A 63 -6.29 0.33 -3.40
C MET A 63 -7.50 1.23 -3.70
N GLY A 64 -7.91 1.36 -4.96
CA GLY A 64 -9.05 2.22 -5.31
C GLY A 64 -10.34 1.72 -4.70
N LEU A 65 -10.55 0.41 -4.63
CA LEU A 65 -11.72 -0.12 -3.95
C LEU A 65 -11.74 0.30 -2.50
N ILE A 66 -10.63 0.20 -1.82
CA ILE A 66 -10.52 0.65 -0.44
C ILE A 66 -10.87 2.13 -0.38
N ALA A 67 -10.24 2.92 -1.22
CA ALA A 67 -10.48 4.36 -1.25
C ALA A 67 -11.96 4.69 -1.44
N LEU A 68 -12.64 3.94 -2.30
CA LEU A 68 -14.08 4.20 -2.51
C LEU A 68 -14.82 4.18 -1.17
N THR A 69 -14.50 3.26 -0.29
CA THR A 69 -15.20 3.16 0.99
C THR A 69 -14.94 4.38 1.85
N ILE A 70 -13.69 4.89 1.77
CA ILE A 70 -13.32 6.06 2.54
C ILE A 70 -14.06 7.26 1.99
N GLY A 71 -14.04 7.47 0.68
CA GLY A 71 -14.81 8.57 0.14
C GLY A 71 -16.29 8.41 0.53
N HIS A 72 -16.85 7.22 0.39
CA HIS A 72 -18.25 6.99 0.71
C HIS A 72 -18.53 7.46 2.13
N ALA A 73 -17.73 6.96 3.05
CA ALA A 73 -17.97 7.23 4.45
C ALA A 73 -17.92 8.71 4.77
N ASN A 74 -17.19 9.47 4.01
CA ASN A 74 -17.01 10.88 4.24
C ASN A 74 -18.04 11.74 3.48
N GLY A 75 -18.99 11.12 2.74
CA GLY A 75 -19.97 11.89 1.98
C GLY A 75 -19.43 12.42 0.66
N TRP A 76 -18.27 11.93 0.18
CA TRP A 76 -17.62 12.37 -1.05
C TRP A 76 -17.90 11.45 -2.25
N GLU A 77 -18.60 10.34 -2.04
CA GLU A 77 -18.79 9.39 -3.11
C GLU A 77 -20.08 8.59 -2.91
N PRO A 78 -21.25 9.25 -3.05
CA PRO A 78 -22.52 8.56 -2.88
C PRO A 78 -22.83 7.43 -3.87
N GLU A 79 -22.11 7.41 -5.01
CA GLU A 79 -22.24 6.34 -5.97
C GLU A 79 -21.29 5.18 -5.71
N ALA A 80 -20.52 5.26 -4.61
CA ALA A 80 -19.43 4.28 -4.42
C ALA A 80 -19.84 2.82 -4.58
N GLU A 81 -21.01 2.41 -4.11
CA GLU A 81 -21.35 0.99 -4.18
C GLU A 81 -21.39 0.52 -5.63
N GLN A 82 -21.87 1.40 -6.53
CA GLN A 82 -21.97 1.03 -7.93
C GLN A 82 -20.62 1.16 -8.62
N LEU A 83 -19.81 2.13 -8.22
CA LEU A 83 -18.44 2.20 -8.74
C LEU A 83 -17.64 0.96 -8.35
N ALA A 84 -17.83 0.45 -7.16
CA ALA A 84 -17.19 -0.77 -6.70
C ALA A 84 -17.64 -1.93 -7.56
N LEU A 85 -18.95 -2.00 -7.87
CA LEU A 85 -19.47 -3.05 -8.74
C LEU A 85 -18.87 -2.99 -10.13
N VAL A 86 -18.83 -1.83 -10.74
CA VAL A 86 -18.23 -1.69 -12.05
C VAL A 86 -16.79 -2.24 -12.03
N THR A 87 -15.97 -1.83 -11.00
CA THR A 87 -14.60 -2.31 -10.93
C THR A 87 -14.56 -3.82 -10.73
N LEU A 88 -15.41 -4.37 -9.90
CA LEU A 88 -15.33 -5.80 -9.63
C LEU A 88 -15.76 -6.61 -10.84
N ARG A 89 -16.81 -6.15 -11.56
CA ARG A 89 -17.22 -6.86 -12.76
C ARG A 89 -16.09 -6.84 -13.79
N LYS A 90 -15.43 -5.68 -13.93
CA LYS A 90 -14.30 -5.55 -14.83
C LYS A 90 -13.18 -6.52 -14.45
N LEU A 91 -12.83 -6.63 -13.16
CA LEU A 91 -11.80 -7.54 -12.67
C LEU A 91 -12.17 -9.00 -12.91
N ALA A 92 -13.46 -9.34 -12.75
CA ALA A 92 -13.93 -10.68 -12.96
C ALA A 92 -14.04 -11.10 -14.43
N GLY A 93 -13.80 -10.20 -15.38
CA GLY A 93 -13.88 -10.59 -16.77
C GLY A 93 -15.28 -10.44 -17.33
N ARG A 94 -16.15 -9.76 -16.60
CA ARG A 94 -17.58 -9.70 -16.95
C ARG A 94 -17.95 -8.48 -17.79
N ASP A 95 -17.00 -7.58 -18.08
CA ASP A 95 -17.20 -6.51 -19.04
C ASP A 95 -16.72 -7.01 -20.38
N PRO A 96 -17.58 -7.07 -21.42
CA PRO A 96 -17.20 -7.66 -22.70
C PRO A 96 -16.16 -6.83 -23.42
N ASN A 97 -15.99 -5.56 -23.06
CA ASN A 97 -15.01 -4.74 -23.75
C ASN A 97 -13.57 -5.25 -23.58
N PHE A 98 -13.21 -5.70 -22.40
CA PHE A 98 -11.97 -6.45 -22.26
C PHE A 98 -11.84 -6.95 -20.84
N ALA A 99 -10.99 -7.96 -20.71
CA ALA A 99 -10.63 -8.55 -19.45
C ALA A 99 -9.18 -8.18 -19.18
N VAL A 100 -8.78 -8.15 -17.91
CA VAL A 100 -7.37 -7.91 -17.60
C VAL A 100 -6.64 -9.21 -17.84
N PRO A 101 -5.47 -9.20 -18.46
CA PRO A 101 -4.73 -10.45 -18.64
C PRO A 101 -4.36 -11.21 -17.38
N GLN A 102 -4.52 -12.52 -17.47
CA GLN A 102 -4.11 -13.44 -16.44
C GLN A 102 -3.33 -14.53 -17.15
N ASN A 103 -2.36 -15.08 -16.43
CA ASN A 103 -1.45 -16.06 -17.00
C ASN A 103 -1.99 -17.46 -16.77
N ALA A 104 -1.14 -18.46 -17.00
CA ALA A 104 -1.54 -19.85 -17.01
C ALA A 104 -1.92 -20.35 -15.63
N THR A 105 -1.67 -19.60 -14.55
CA THR A 105 -2.19 -19.96 -13.24
C THR A 105 -3.16 -18.92 -12.71
N ASN A 106 -3.72 -18.13 -13.61
CA ASN A 106 -4.72 -17.11 -13.25
C ASN A 106 -4.14 -15.97 -12.42
N THR A 107 -2.79 -15.81 -12.47
CA THR A 107 -2.16 -14.65 -11.87
C THR A 107 -2.36 -13.45 -12.78
N PHE A 108 -2.69 -12.30 -12.20
CA PHE A 108 -2.89 -11.11 -12.99
C PHE A 108 -1.56 -10.51 -13.43
N ILE A 109 -1.54 -9.92 -14.61
CA ILE A 109 -0.41 -9.07 -15.02
C ILE A 109 -0.44 -7.82 -14.14
N HIS A 110 0.75 -7.24 -13.85
CA HIS A 110 0.84 -6.09 -12.99
C HIS A 110 0.17 -4.91 -13.70
N PHE A 111 0.58 -4.63 -14.94
CA PHE A 111 0.14 -3.46 -15.67
C PHE A 111 -0.54 -3.91 -16.94
N TYR A 112 -1.43 -3.08 -17.45
CA TYR A 112 -2.21 -3.40 -18.64
C TYR A 112 -2.78 -2.11 -19.20
N ASN A 113 -3.16 -2.18 -20.49
CA ASN A 113 -3.73 -1.02 -21.16
C ASN A 113 -5.19 -0.86 -20.79
N THR A 114 -5.55 0.33 -20.29
CA THR A 114 -6.90 0.51 -19.75
C THR A 114 -7.94 0.90 -20.79
N LYS A 115 -7.58 0.94 -22.07
CA LYS A 115 -8.52 1.02 -23.18
C LYS A 115 -8.71 -0.34 -23.84
N THR A 116 -7.66 -1.13 -24.02
CA THR A 116 -7.72 -2.31 -24.84
C THR A 116 -7.59 -3.59 -24.05
N GLY A 117 -6.97 -3.54 -22.85
CA GLY A 117 -6.73 -4.71 -22.03
C GLY A 117 -5.42 -5.40 -22.35
N GLU A 118 -4.62 -4.88 -23.25
CA GLU A 118 -3.39 -5.55 -23.60
C GLU A 118 -2.45 -5.58 -22.39
N ALA A 119 -1.75 -6.68 -22.18
CA ALA A 119 -0.79 -6.76 -21.10
C ALA A 119 0.32 -5.73 -21.33
N VAL A 120 0.89 -5.20 -20.24
CA VAL A 120 2.07 -4.34 -20.27
C VAL A 120 3.09 -4.87 -19.27
N GLY A 121 4.33 -5.03 -19.71
CA GLY A 121 5.40 -5.55 -18.90
C GLY A 121 5.39 -7.06 -18.81
N ASP A 122 6.19 -7.53 -17.88
CA ASP A 122 6.47 -8.96 -17.76
C ASP A 122 6.15 -9.50 -16.37
N ASP A 123 5.46 -8.73 -15.54
CA ASP A 123 5.30 -9.07 -14.13
C ASP A 123 3.96 -9.72 -13.79
N TRP A 124 3.90 -11.03 -13.87
CA TRP A 124 2.70 -11.72 -13.42
C TRP A 124 2.83 -11.87 -11.92
N SER A 125 2.13 -10.99 -11.21
CA SER A 125 2.49 -10.55 -9.86
C SER A 125 1.55 -11.11 -8.80
N PRO A 126 2.02 -11.98 -7.90
CA PRO A 126 1.16 -12.44 -6.82
C PRO A 126 0.81 -11.29 -5.88
N VAL A 127 1.74 -10.38 -5.59
CA VAL A 127 1.48 -9.36 -4.60
C VAL A 127 0.45 -8.40 -5.15
N ASP A 128 0.56 -8.03 -6.42
CA ASP A 128 -0.39 -7.07 -6.95
C ASP A 128 -1.77 -7.73 -7.08
N SER A 129 -1.79 -9.01 -7.48
CA SER A 129 -2.99 -9.81 -7.40
C SER A 129 -3.61 -9.79 -5.97
N ALA A 130 -2.78 -10.00 -4.98
CA ALA A 130 -3.26 -10.00 -3.60
C ALA A 130 -3.80 -8.65 -3.15
N ILE A 131 -3.20 -7.54 -3.59
CA ILE A 131 -3.72 -6.22 -3.24
C ILE A 131 -5.11 -6.04 -3.85
N MET A 132 -5.28 -6.49 -5.10
CA MET A 132 -6.57 -6.41 -5.72
C MET A 132 -7.59 -7.24 -4.94
N ILE A 133 -7.25 -8.46 -4.57
CA ILE A 133 -8.18 -9.30 -3.86
C ILE A 133 -8.56 -8.69 -2.51
N TYR A 134 -7.61 -8.19 -1.75
CA TYR A 134 -7.93 -7.51 -0.52
C TYR A 134 -8.91 -6.36 -0.74
N GLY A 135 -8.67 -5.55 -1.73
CA GLY A 135 -9.59 -4.48 -1.95
C GLY A 135 -10.99 -5.02 -2.24
N ALA A 136 -11.08 -6.08 -3.03
CA ALA A 136 -12.38 -6.71 -3.28
C ALA A 136 -13.03 -7.16 -1.98
N LEU A 137 -12.29 -7.82 -1.13
CA LEU A 137 -12.87 -8.32 0.08
C LEU A 137 -13.22 -7.17 1.02
N PHE A 138 -12.52 -6.05 0.97
CA PHE A 138 -12.77 -4.91 1.81
C PHE A 138 -14.09 -4.30 1.39
N VAL A 139 -14.33 -4.08 0.12
CA VAL A 139 -15.63 -3.56 -0.28
C VAL A 139 -16.76 -4.55 0.01
N LYS A 140 -16.52 -5.84 -0.10
CA LYS A 140 -17.50 -6.85 0.31
C LYS A 140 -17.90 -6.59 1.75
N ASN A 141 -16.95 -6.42 2.65
CA ASN A 141 -17.31 -6.11 4.01
C ASN A 141 -18.03 -4.78 4.16
N TYR A 142 -17.59 -3.75 3.46
CA TYR A 142 -18.10 -2.44 3.65
C TYR A 142 -19.53 -2.37 3.11
N PHE A 143 -19.73 -2.85 1.90
CA PHE A 143 -21.08 -2.89 1.30
C PHE A 143 -21.66 -4.28 1.54
N SER A 144 -21.81 -4.60 2.82
CA SER A 144 -22.10 -5.96 3.23
C SER A 144 -23.51 -6.42 2.89
N GLU A 145 -24.38 -5.50 2.51
CA GLU A 145 -25.70 -5.93 2.04
C GLU A 145 -25.77 -6.20 0.54
N ASN A 146 -24.71 -5.91 -0.23
CA ASN A 146 -24.72 -6.15 -1.67
C ASN A 146 -24.19 -7.54 -1.96
N GLU A 147 -25.09 -8.42 -2.41
CA GLU A 147 -24.80 -9.81 -2.66
C GLU A 147 -23.92 -10.01 -3.91
N GLU A 148 -24.12 -9.18 -4.93
CA GLU A 148 -23.31 -9.26 -6.14
C GLU A 148 -21.85 -8.86 -5.88
N ILE A 149 -21.64 -7.85 -5.04
CA ILE A 149 -20.28 -7.51 -4.61
C ILE A 149 -19.68 -8.70 -3.85
N ALA A 150 -20.42 -9.36 -2.95
CA ALA A 150 -19.87 -10.49 -2.22
C ALA A 150 -19.45 -11.60 -3.16
N GLU A 151 -20.30 -11.90 -4.13
CA GLU A 151 -20.09 -12.97 -5.07
C GLU A 151 -18.82 -12.66 -5.89
N LEU A 152 -18.71 -11.43 -6.42
CA LEU A 152 -17.55 -11.06 -7.23
C LEU A 152 -16.28 -11.13 -6.43
N ALA A 153 -16.31 -10.59 -5.22
CA ALA A 153 -15.16 -10.68 -4.34
C ALA A 153 -14.79 -12.13 -4.12
N ASP A 154 -15.79 -12.99 -3.89
CA ASP A 154 -15.44 -14.38 -3.57
C ASP A 154 -14.86 -15.06 -4.81
N PHE A 155 -15.40 -14.74 -5.96
CA PHE A 155 -14.87 -15.23 -7.22
C PHE A 155 -13.41 -14.84 -7.44
N LEU A 156 -13.06 -13.60 -7.12
CA LEU A 156 -11.68 -13.13 -7.34
C LEU A 156 -10.79 -13.81 -6.34
N TYR A 157 -11.27 -13.97 -5.12
CA TYR A 157 -10.44 -14.60 -4.11
C TYR A 157 -10.18 -16.09 -4.42
N ARG A 158 -11.19 -16.77 -4.96
CA ARG A 158 -11.02 -18.22 -5.15
C ARG A 158 -10.29 -18.58 -6.44
N ASN A 159 -10.17 -17.64 -7.37
N ASN A 159 -10.16 -17.64 -7.39
CA ASN A 159 -9.73 -18.01 -8.71
CA ASN A 159 -9.72 -18.01 -8.72
C ASN A 159 -8.25 -17.72 -8.96
C ASN A 159 -8.26 -17.66 -8.99
N THR A 160 -7.53 -17.12 -8.00
CA THR A 160 -6.07 -17.03 -8.06
C THR A 160 -5.51 -17.66 -6.83
N ASP A 161 -4.96 -18.86 -7.01
CA ASP A 161 -4.44 -19.57 -5.87
C ASP A 161 -3.07 -19.04 -5.54
N LEU A 162 -2.93 -18.50 -4.33
CA LEU A 162 -1.65 -17.97 -3.90
C LEU A 162 -0.83 -18.93 -3.06
N THR A 163 -1.45 -20.09 -2.73
CA THR A 163 -0.67 -21.10 -2.03
C THR A 163 0.49 -21.58 -2.92
N GLN A 164 0.34 -21.55 -4.24
CA GLN A 164 1.39 -21.99 -5.14
C GLN A 164 2.65 -21.12 -4.99
N TYR A 165 2.54 -19.89 -4.48
CA TYR A 165 3.67 -19.00 -4.43
C TYR A 165 4.51 -19.25 -3.20
N ILE A 166 4.07 -20.03 -2.22
CA ILE A 166 4.91 -20.38 -1.09
C ILE A 166 6.05 -21.29 -1.57
N ALA A 167 7.27 -20.83 -1.43
CA ALA A 167 8.38 -21.51 -2.06
C ALA A 167 9.12 -22.43 -1.10
N ASP A 168 9.41 -21.94 0.09
CA ASP A 168 10.15 -22.76 1.04
C ASP A 168 9.75 -22.32 2.44
N VAL A 169 9.14 -23.22 3.18
CA VAL A 169 8.62 -23.00 4.51
C VAL A 169 9.73 -22.69 5.52
N ARG A 170 10.81 -23.47 5.52
N ARG A 170 10.81 -23.48 5.51
CA ARG A 170 11.77 -23.39 6.61
CA ARG A 170 11.82 -23.42 6.56
C ARG A 170 12.59 -22.10 6.49
C ARG A 170 12.57 -22.10 6.48
N THR A 171 12.70 -21.54 5.28
CA THR A 171 13.45 -20.31 5.12
C THR A 171 12.58 -19.09 4.91
N GLY A 172 11.26 -19.24 4.90
CA GLY A 172 10.43 -18.03 4.80
C GLY A 172 10.35 -17.40 3.41
N ARG A 173 10.43 -18.23 2.38
CA ARG A 173 10.58 -17.70 1.04
C ARG A 173 9.31 -17.91 0.25
N ILE A 174 8.99 -16.88 -0.55
CA ILE A 174 7.87 -16.85 -1.48
C ILE A 174 8.44 -16.48 -2.86
N TYR A 175 7.90 -17.06 -3.93
CA TYR A 175 8.31 -16.66 -5.25
C TYR A 175 7.84 -15.25 -5.55
N LEU A 176 8.71 -14.44 -6.12
N LEU A 176 8.70 -14.44 -6.11
CA LEU A 176 8.43 -13.07 -6.45
CA LEU A 176 8.37 -13.08 -6.45
C LEU A 176 7.37 -12.96 -7.55
C LEU A 176 7.33 -12.98 -7.55
N ALA A 177 7.41 -13.85 -8.55
CA ALA A 177 6.62 -13.64 -9.75
C ALA A 177 6.58 -14.90 -10.59
N GLN A 178 5.70 -14.92 -11.59
CA GLN A 178 5.65 -15.97 -12.59
C GLN A 178 5.92 -15.36 -13.95
N HIS A 179 6.32 -16.29 -14.84
CA HIS A 179 6.36 -16.07 -16.27
C HIS A 179 4.96 -16.28 -16.85
N THR A 180 4.77 -15.92 -18.11
CA THR A 180 3.49 -16.05 -18.78
C THR A 180 2.96 -17.46 -18.75
N ASP A 181 3.88 -18.43 -18.90
CA ASP A 181 3.49 -19.83 -18.98
C ASP A 181 3.29 -20.43 -17.60
N GLY A 182 3.36 -19.66 -16.51
CA GLY A 182 2.99 -20.13 -15.19
C GLY A 182 4.14 -20.69 -14.39
N THR A 183 5.29 -20.82 -15.01
CA THR A 183 6.44 -21.22 -14.23
C THR A 183 6.93 -20.00 -13.46
N PHE A 184 7.76 -20.23 -12.45
CA PHE A 184 8.18 -19.19 -11.54
C PHE A 184 9.45 -18.53 -12.07
N LYS A 185 9.58 -17.25 -11.85
CA LYS A 185 10.84 -16.57 -12.04
C LYS A 185 11.78 -17.09 -10.97
N LYS A 186 13.08 -16.87 -11.14
CA LYS A 186 14.11 -17.39 -10.25
C LYS A 186 14.00 -16.79 -8.85
N TYR A 187 13.48 -15.57 -8.75
CA TYR A 187 13.73 -14.78 -7.56
C TYR A 187 12.76 -15.18 -6.44
N ARG A 188 13.29 -15.32 -5.23
CA ARG A 188 12.46 -15.59 -4.07
C ARG A 188 12.66 -14.43 -3.13
N THR A 189 11.66 -14.20 -2.31
CA THR A 189 11.66 -13.10 -1.39
C THR A 189 11.33 -13.66 0.00
N LYS A 190 11.95 -13.09 1.02
CA LYS A 190 11.93 -13.61 2.39
C LYS A 190 11.14 -12.69 3.34
N ALA A 191 10.43 -13.30 4.27
CA ALA A 191 9.76 -12.53 5.31
C ALA A 191 10.75 -11.82 6.21
N PHE A 192 10.51 -10.64 6.78
CA PHE A 192 9.32 -9.83 6.68
C PHE A 192 9.38 -8.87 5.50
N ASN A 193 8.27 -8.80 4.76
CA ASN A 193 8.06 -7.74 3.79
C ASN A 193 6.60 -7.72 3.39
N GLU A 194 6.27 -7.04 2.28
CA GLU A 194 4.87 -6.93 1.86
C GLU A 194 4.36 -8.26 1.30
N TYR A 195 5.20 -9.29 1.09
CA TYR A 195 4.69 -10.58 0.68
C TYR A 195 3.94 -11.28 1.85
N MET A 196 3.88 -10.63 3.01
CA MET A 196 2.84 -10.98 3.99
C MET A 196 1.47 -10.98 3.33
N LEU A 197 1.23 -10.06 2.44
CA LEU A 197 -0.06 -9.96 1.77
C LEU A 197 -0.36 -11.26 1.10
N VAL A 198 0.62 -11.83 0.37
CA VAL A 198 0.51 -13.08 -0.35
C VAL A 198 0.30 -14.23 0.63
N ALA A 199 1.12 -14.25 1.65
CA ALA A 199 1.04 -15.31 2.63
C ALA A 199 -0.34 -15.38 3.28
N GLY A 200 -0.90 -14.22 3.60
CA GLY A 200 -2.20 -14.18 4.23
C GLY A 200 -3.27 -14.81 3.41
N ILE A 201 -3.37 -14.41 2.16
CA ILE A 201 -4.34 -15.06 1.29
C ILE A 201 -4.08 -16.55 1.12
N ALA A 202 -2.82 -16.92 1.01
CA ALA A 202 -2.51 -18.33 0.87
C ALA A 202 -2.92 -19.10 2.12
N ASN A 203 -2.78 -18.49 3.27
CA ASN A 203 -3.17 -19.13 4.53
C ASN A 203 -4.67 -19.38 4.59
N GLN A 204 -5.47 -18.44 4.16
CA GLN A 204 -6.90 -18.58 4.15
C GLN A 204 -7.27 -19.61 3.08
N GLN A 205 -6.68 -19.53 1.90
CA GLN A 205 -7.04 -20.42 0.80
C GLN A 205 -6.78 -21.86 1.18
N ALA A 206 -5.74 -22.09 1.92
CA ALA A 206 -5.47 -23.43 2.38
C ALA A 206 -6.65 -24.05 3.11
N LYS A 207 -7.36 -23.24 3.87
CA LYS A 207 -8.60 -23.65 4.54
C LYS A 207 -9.80 -23.70 3.58
N ASP A 208 -9.94 -22.74 2.67
CA ASP A 208 -11.16 -22.45 1.94
C ASP A 208 -11.23 -23.12 0.56
N LEU A 209 -10.09 -23.29 -0.12
CA LEU A 209 -10.09 -23.85 -1.47
C LEU A 209 -9.93 -25.36 -1.39
N ASP A 210 -10.93 -26.04 -1.98
CA ASP A 210 -11.02 -27.48 -2.15
C ASP A 210 -9.70 -28.01 -2.71
N ASN A 211 -9.21 -27.31 -3.73
CA ASN A 211 -8.14 -27.81 -4.58
C ASN A 211 -6.86 -26.97 -4.38
N ALA A 212 -6.65 -26.39 -3.19
CA ALA A 212 -5.49 -25.52 -3.07
C ALA A 212 -4.23 -26.31 -3.43
N VAL A 213 -3.35 -25.68 -4.22
CA VAL A 213 -2.19 -26.34 -4.81
C VAL A 213 -1.33 -26.87 -3.67
N ASN A 214 -1.15 -25.99 -2.67
CA ASN A 214 -0.03 -26.15 -1.77
C ASN A 214 -0.46 -25.79 -0.33
N ALA A 215 -1.57 -26.39 0.11
CA ALA A 215 -2.32 -25.92 1.28
C ALA A 215 -1.48 -26.13 2.53
N SER A 216 -1.05 -27.37 2.74
CA SER A 216 -0.35 -27.65 3.97
C SER A 216 0.88 -26.73 4.13
N ASN A 217 1.62 -26.51 3.05
CA ASN A 217 2.81 -25.67 3.15
C ASN A 217 2.44 -24.19 3.40
N ALA A 218 1.33 -23.77 2.81
CA ALA A 218 0.91 -22.41 3.08
C ALA A 218 0.56 -22.21 4.56
N LYS A 219 -0.13 -23.17 5.17
N LYS A 219 -0.15 -23.18 5.17
CA LYS A 219 -0.44 -23.09 6.58
CA LYS A 219 -0.47 -23.08 6.59
C LYS A 219 0.82 -23.11 7.44
C LYS A 219 0.80 -23.11 7.44
N LYS A 220 1.72 -24.05 7.15
CA LYS A 220 2.94 -24.16 7.91
C LYS A 220 3.74 -22.88 7.82
N PHE A 221 3.78 -22.30 6.63
CA PHE A 221 4.51 -21.05 6.42
C PHE A 221 3.98 -19.95 7.32
N TRP A 222 2.66 -19.81 7.24
CA TRP A 222 2.00 -18.73 8.02
C TRP A 222 2.32 -18.93 9.50
N ASP A 223 2.18 -20.16 9.97
CA ASP A 223 2.31 -20.44 11.43
C ASP A 223 3.71 -20.09 11.94
N ILE A 224 4.72 -20.21 11.09
CA ILE A 224 6.10 -19.86 11.51
C ILE A 224 6.37 -18.36 11.36
N TRP A 225 6.03 -17.79 10.19
CA TRP A 225 6.54 -16.46 9.87
C TRP A 225 5.59 -15.33 10.17
N TYR A 226 4.27 -15.57 10.15
CA TYR A 226 3.33 -14.43 10.20
C TYR A 226 2.18 -14.52 11.19
N ALA A 227 2.00 -15.65 11.91
CA ALA A 227 1.06 -15.72 13.03
C ALA A 227 1.56 -14.91 14.20
N SER A 228 2.89 -14.70 14.28
CA SER A 228 3.50 -13.88 15.29
C SER A 228 4.77 -13.25 14.68
N THR A 229 5.38 -12.32 15.39
CA THR A 229 6.70 -11.80 14.98
C THR A 229 7.88 -12.58 15.52
N LYS A 230 7.63 -13.65 16.27
CA LYS A 230 8.70 -14.34 16.98
C LYS A 230 9.92 -14.68 16.14
N PHE A 231 9.72 -15.20 14.93
CA PHE A 231 10.84 -15.70 14.15
C PHE A 231 11.27 -14.73 13.05
N LEU A 232 10.60 -13.58 12.88
CA LEU A 232 10.98 -12.70 11.80
C LEU A 232 12.34 -12.08 12.03
N PRO A 233 13.14 -11.87 10.98
CA PRO A 233 14.41 -11.21 11.17
C PRO A 233 14.25 -9.80 11.71
N VAL A 234 15.23 -9.33 12.45
CA VAL A 234 15.26 -8.00 13.02
C VAL A 234 16.54 -7.34 12.59
N ALA A 235 16.47 -6.12 12.10
CA ALA A 235 17.60 -5.25 11.86
C ALA A 235 17.47 -4.08 12.83
N GLU A 236 18.53 -3.66 13.48
CA GLU A 236 18.42 -2.61 14.48
C GLU A 236 18.91 -1.28 13.93
N TYR A 237 18.09 -0.26 14.10
CA TYR A 237 18.39 1.09 13.70
C TYR A 237 18.67 1.89 14.99
N ASN A 238 19.93 2.17 15.31
CA ASN A 238 20.19 2.91 16.56
C ASN A 238 19.58 2.15 17.75
N GLY A 239 19.61 0.81 17.72
CA GLY A 239 19.09 -0.02 18.79
C GLY A 239 17.58 -0.26 18.71
N ILE A 240 16.89 0.37 17.76
CA ILE A 240 15.45 0.15 17.57
C ILE A 240 15.27 -1.10 16.73
N PRO A 241 14.59 -2.16 17.21
CA PRO A 241 14.39 -3.33 16.38
C PRO A 241 13.34 -3.09 15.31
N VAL A 242 13.70 -3.41 14.07
CA VAL A 242 12.83 -3.23 12.91
C VAL A 242 12.70 -4.58 12.22
N LEU A 243 11.50 -5.11 12.04
CA LEU A 243 11.34 -6.30 11.26
C LEU A 243 11.94 -6.08 9.88
N SER A 244 12.54 -7.13 9.34
CA SER A 244 13.17 -7.04 8.05
C SER A 244 13.25 -8.41 7.38
N GLU A 245 13.94 -8.44 6.22
CA GLU A 245 14.21 -9.70 5.51
C GLU A 245 15.55 -10.28 6.03
N GLY A 246 16.33 -9.48 6.76
CA GLY A 246 17.57 -9.97 7.33
C GLY A 246 18.05 -8.92 8.33
N LYS A 247 19.22 -9.21 8.93
N LYS A 247 19.22 -9.21 8.93
CA LYS A 247 19.69 -8.42 10.06
CA LYS A 247 19.70 -8.43 10.06
C LYS A 247 20.53 -7.24 9.63
C LYS A 247 20.53 -7.24 9.63
N THR A 248 20.98 -7.19 8.37
CA THR A 248 21.96 -6.20 7.99
C THR A 248 21.44 -5.23 6.91
N TRP A 249 20.10 -5.14 6.72
CA TRP A 249 19.52 -4.12 5.90
C TRP A 249 18.07 -4.01 6.32
N PHE A 250 17.43 -2.95 5.85
CA PHE A 250 16.02 -2.70 6.13
C PHE A 250 15.16 -2.88 4.87
N THR A 251 13.96 -3.38 5.05
CA THR A 251 13.04 -3.43 3.93
C THR A 251 12.36 -2.08 3.75
N SER A 252 11.41 -2.00 2.83
CA SER A 252 10.66 -0.78 2.59
C SER A 252 9.61 -0.54 3.64
N GLN A 253 9.56 0.69 4.13
CA GLN A 253 8.51 1.13 5.06
C GLN A 253 7.10 0.94 4.55
N PHE A 254 6.88 1.07 3.24
CA PHE A 254 5.53 0.88 2.76
C PHE A 254 5.08 -0.56 3.08
N ASN A 255 6.00 -1.49 3.28
CA ASN A 255 5.55 -2.86 3.58
C ASN A 255 4.74 -2.89 4.88
N PHE A 256 5.20 -2.18 5.92
CA PHE A 256 4.51 -2.15 7.17
C PHE A 256 3.15 -1.51 6.99
N LEU A 257 3.11 -0.42 6.22
CA LEU A 257 1.84 0.32 6.05
C LEU A 257 0.87 -0.52 5.20
N PHE A 258 1.33 -1.14 4.11
CA PHE A 258 0.37 -1.92 3.28
C PHE A 258 -0.20 -3.05 4.15
N ASN A 259 0.70 -3.74 4.83
CA ASN A 259 0.25 -4.91 5.62
C ASN A 259 -0.77 -4.45 6.67
N ASN A 260 -0.53 -3.33 7.35
CA ASN A 260 -1.40 -2.80 8.39
C ASN A 260 -2.76 -2.45 7.83
N TYR A 261 -2.86 -1.60 6.79
CA TYR A 261 -4.15 -1.09 6.38
C TYR A 261 -4.94 -2.21 5.72
N LEU A 262 -4.33 -3.17 5.00
CA LEU A 262 -4.99 -4.17 4.19
C LEU A 262 -5.28 -5.43 4.99
N MET A 263 -4.51 -5.78 5.99
CA MET A 263 -4.67 -7.08 6.61
C MET A 263 -5.00 -7.02 8.08
N HIS A 264 -6.13 -7.64 8.46
CA HIS A 264 -6.47 -7.81 9.87
C HIS A 264 -5.39 -8.54 10.64
N ASP A 265 -4.80 -9.50 9.94
CA ASP A 265 -3.73 -10.24 10.60
C ASP A 265 -2.53 -9.42 11.01
N PHE A 266 -2.43 -8.21 10.46
CA PHE A 266 -1.43 -7.26 10.91
C PHE A 266 -2.05 -6.25 11.86
N SER A 267 -3.13 -5.57 11.40
CA SER A 267 -3.63 -4.43 12.17
C SER A 267 -4.20 -4.85 13.52
N ASN A 268 -4.76 -6.06 13.61
CA ASN A 268 -5.37 -6.53 14.86
C ASN A 268 -4.39 -7.30 15.74
N HIS A 269 -3.12 -7.39 15.35
CA HIS A 269 -2.13 -8.16 16.09
C HIS A 269 -1.20 -7.18 16.79
N PRO A 270 -1.25 -7.05 18.14
CA PRO A 270 -0.39 -6.12 18.83
C PRO A 270 1.10 -6.25 18.54
N GLU A 271 1.61 -7.45 18.30
CA GLU A 271 3.02 -7.56 17.93
C GLU A 271 3.34 -6.80 16.64
N PHE A 272 2.45 -6.91 15.63
CA PHE A 272 2.70 -6.27 14.36
C PHE A 272 2.52 -4.75 14.50
N VAL A 273 1.48 -4.33 15.23
CA VAL A 273 1.31 -2.91 15.46
C VAL A 273 2.54 -2.28 16.12
N THR A 274 3.06 -2.94 17.14
CA THR A 274 4.28 -2.48 17.80
C THR A 274 5.44 -2.44 16.82
N ALA A 275 5.53 -3.42 15.95
CA ALA A 275 6.56 -3.41 14.95
C ALA A 275 6.43 -2.20 14.00
N LEU A 276 5.19 -1.88 13.56
CA LEU A 276 5.01 -0.69 12.73
C LEU A 276 5.41 0.57 13.49
N GLU A 277 5.02 0.68 14.76
CA GLU A 277 5.42 1.87 15.58
C GLU A 277 6.97 1.96 15.67
N ASN A 278 7.62 0.84 15.92
CA ASN A 278 9.07 0.86 16.01
C ASN A 278 9.68 1.29 14.68
N SER A 279 9.16 0.72 13.58
CA SER A 279 9.64 1.08 12.26
C SER A 279 9.57 2.56 11.96
N ALA A 280 8.53 3.21 12.38
CA ALA A 280 8.40 4.65 12.20
C ALA A 280 9.38 5.43 13.08
N LYS A 281 9.63 4.94 14.29
CA LYS A 281 10.69 5.55 15.10
C LYS A 281 12.04 5.41 14.43
N ALA A 282 12.30 4.29 13.76
CA ALA A 282 13.59 4.13 13.11
C ALA A 282 13.66 5.05 11.89
N ASP A 283 12.55 5.26 11.13
CA ASP A 283 12.58 6.12 9.97
C ASP A 283 12.84 7.54 10.44
N PHE A 284 12.19 8.03 11.48
CA PHE A 284 12.47 9.34 12.02
C PHE A 284 13.93 9.45 12.43
N ALA A 285 14.43 8.48 13.18
CA ALA A 285 15.82 8.54 13.65
C ALA A 285 16.80 8.58 12.48
N PHE A 286 16.50 7.79 11.44
CA PHE A 286 17.33 7.82 10.23
C PHE A 286 17.43 9.23 9.66
N TRP A 287 16.29 9.85 9.39
CA TRP A 287 16.28 11.16 8.79
C TRP A 287 16.98 12.22 9.63
N ARG A 288 17.03 12.03 10.95
CA ARG A 288 17.72 12.96 11.83
C ARG A 288 19.19 12.63 11.82
N ASP A 289 19.61 11.46 11.38
CA ASP A 289 21.03 11.11 11.31
C ASP A 289 21.65 11.46 9.96
N VAL A 290 20.86 11.68 8.91
CA VAL A 290 21.42 11.99 7.60
C VAL A 290 22.33 13.22 7.73
N ASP A 291 23.54 13.14 7.14
CA ASP A 291 24.43 14.30 7.07
C ASP A 291 25.15 14.21 5.73
N VAL A 292 24.51 14.81 4.78
CA VAL A 292 24.96 14.91 3.42
C VAL A 292 25.41 16.34 3.19
N GLU A 293 26.58 16.48 2.59
CA GLU A 293 27.18 17.78 2.30
C GLU A 293 26.18 18.59 1.51
N GLY A 294 25.92 19.78 2.02
CA GLY A 294 25.02 20.66 1.33
C GLY A 294 23.54 20.44 1.56
N VAL A 295 23.17 19.50 2.39
CA VAL A 295 21.77 19.23 2.72
C VAL A 295 21.53 19.58 4.16
N GLU A 296 20.39 20.19 4.43
CA GLU A 296 19.98 20.32 5.81
C GLU A 296 18.47 20.07 5.88
N LEU A 297 18.11 18.94 6.48
CA LEU A 297 16.72 18.58 6.70
C LEU A 297 16.25 19.22 7.98
N LYS A 298 15.04 19.76 7.94
N LYS A 298 15.04 19.76 7.93
CA LYS A 298 14.40 20.24 9.19
CA LYS A 298 14.40 20.24 9.19
C LYS A 298 14.00 19.02 10.00
C LYS A 298 13.99 19.02 10.00
N GLU A 299 13.61 19.24 11.24
CA GLU A 299 13.27 18.15 12.13
C GLU A 299 11.99 17.44 11.68
N TYR A 300 11.09 18.15 11.02
CA TYR A 300 9.80 17.60 10.62
C TYR A 300 9.85 16.85 9.29
N GLU A 301 11.04 16.77 8.65
CA GLU A 301 11.14 16.11 7.39
C GLU A 301 11.58 14.67 7.56
N TRP A 302 10.71 13.72 7.20
CA TRP A 302 11.03 12.33 7.25
C TRP A 302 9.92 11.54 6.54
N GLY A 303 10.30 10.32 6.18
CA GLY A 303 9.50 9.31 5.54
C GLY A 303 10.17 8.69 4.34
N SER A 304 10.48 7.39 4.44
CA SER A 304 11.15 6.63 3.41
C SER A 304 10.13 5.82 2.61
N GLY A 305 9.88 6.25 1.37
CA GLY A 305 8.84 5.66 0.54
C GLY A 305 9.36 5.23 -0.83
N ALA A 306 8.42 4.69 -1.62
CA ALA A 306 8.66 4.45 -3.03
C ALA A 306 7.80 5.41 -3.85
N GLY A 307 8.22 5.68 -5.09
CA GLY A 307 7.46 6.52 -5.99
C GLY A 307 8.38 7.31 -6.91
N SER A 308 7.76 8.19 -7.68
CA SER A 308 8.49 8.98 -8.68
C SER A 308 9.59 9.75 -7.98
N CYS A 309 10.70 9.92 -8.73
CA CYS A 309 11.90 10.58 -8.26
C CYS A 309 12.63 11.14 -9.47
N PRO A 310 13.67 11.97 -9.25
CA PRO A 310 14.45 12.46 -10.40
C PRO A 310 15.01 11.35 -11.27
N ASN A 311 15.30 10.20 -10.71
CA ASN A 311 15.82 9.07 -11.47
C ASN A 311 14.78 8.21 -12.14
N GLY A 312 13.47 8.52 -12.00
CA GLY A 312 12.38 7.76 -12.64
C GLY A 312 11.44 7.25 -11.54
N TYR A 313 11.64 6.03 -11.15
CA TYR A 313 10.93 5.42 -10.03
C TYR A 313 11.97 4.88 -9.05
N CYS A 314 11.78 5.21 -7.77
CA CYS A 314 12.76 4.85 -6.76
C CYS A 314 12.07 4.13 -5.59
N VAL A 315 12.73 3.14 -5.00
CA VAL A 315 12.25 2.42 -3.85
C VAL A 315 13.20 2.83 -2.73
N ASP A 316 12.90 3.83 -1.97
CA ASP A 316 13.86 4.41 -1.00
C ASP A 316 13.78 3.61 0.29
N ARG A 317 14.97 3.31 0.81
N ARG A 317 14.97 3.31 0.81
CA ARG A 317 15.08 2.63 2.12
CA ARG A 317 15.08 2.63 2.12
C ARG A 317 16.12 3.36 2.96
C ARG A 317 16.12 3.37 2.97
N PHE A 318 15.92 3.31 4.26
CA PHE A 318 16.91 3.79 5.21
C PHE A 318 17.95 2.73 5.45
N HIS A 319 19.12 3.18 5.94
CA HIS A 319 20.19 2.26 6.26
C HIS A 319 20.97 2.90 7.39
N PHE A 320 21.81 2.06 8.06
CA PHE A 320 22.34 2.39 9.36
C PHE A 320 23.02 3.76 9.39
N ASP A 321 22.86 4.43 10.52
CA ASP A 321 23.65 5.62 10.85
C ASP A 321 23.50 6.69 9.78
N GLY A 322 22.28 6.94 9.29
CA GLY A 322 22.04 7.99 8.31
C GLY A 322 22.66 7.73 6.93
N ASP A 323 22.96 6.47 6.62
CA ASP A 323 23.51 6.09 5.33
C ASP A 323 22.43 6.11 4.25
N ARG A 324 22.52 7.02 3.29
CA ARG A 324 21.49 7.20 2.27
C ARG A 324 21.78 6.47 0.97
N GLN A 325 22.63 5.42 1.00
CA GLN A 325 22.96 4.73 -0.24
C GLN A 325 21.75 4.06 -0.90
N PHE A 326 20.63 3.80 -0.15
CA PHE A 326 19.45 3.18 -0.72
C PHE A 326 18.37 4.21 -0.93
N ASN A 327 18.71 5.50 -0.92
CA ASN A 327 17.74 6.54 -1.23
C ASN A 327 18.44 7.43 -2.26
N HIS A 328 18.26 7.07 -3.54
CA HIS A 328 19.20 7.56 -4.55
C HIS A 328 19.10 9.06 -4.80
N ASN A 329 17.93 9.68 -4.65
CA ASN A 329 17.79 11.12 -4.88
C ASN A 329 17.50 11.87 -3.57
N LEU A 330 17.73 11.18 -2.43
CA LEU A 330 17.45 11.74 -1.11
C LEU A 330 16.06 12.35 -1.11
N VAL A 331 15.08 11.47 -1.41
CA VAL A 331 13.69 11.85 -1.49
C VAL A 331 13.02 11.58 -0.14
N VAL A 332 12.23 12.55 0.26
CA VAL A 332 11.37 12.44 1.44
C VAL A 332 9.94 12.22 0.98
N SER A 333 9.27 11.30 1.68
CA SER A 333 7.95 10.80 1.25
C SER A 333 6.79 11.16 2.18
N PRO A 334 6.02 12.19 1.82
CA PRO A 334 4.89 12.55 2.68
C PRO A 334 3.76 11.51 2.71
N HIS A 335 3.67 10.62 1.72
CA HIS A 335 2.65 9.56 1.78
C HIS A 335 2.98 8.55 2.87
N ILE A 336 4.30 8.39 3.16
CA ILE A 336 4.73 7.51 4.22
C ILE A 336 4.50 8.25 5.54
N LEU A 337 4.90 9.51 5.70
CA LEU A 337 4.68 10.29 6.89
C LEU A 337 3.23 10.34 7.26
N ALA A 338 2.38 10.58 6.27
CA ALA A 338 0.92 10.56 6.52
C ALA A 338 0.48 9.20 7.02
N GLY A 339 0.95 8.14 6.37
CA GLY A 339 0.65 6.77 6.76
C GLY A 339 0.93 6.46 8.23
N TYR A 340 1.97 7.11 8.78
CA TYR A 340 2.33 6.96 10.18
C TYR A 340 1.44 7.72 11.15
N ILE A 341 0.54 8.59 10.71
CA ILE A 341 -0.15 9.47 11.64
C ILE A 341 -0.81 8.71 12.80
N PRO A 342 -1.48 7.57 12.56
CA PRO A 342 -2.11 6.84 13.66
C PRO A 342 -1.14 6.09 14.58
N PHE A 343 0.12 6.06 14.24
CA PHE A 343 1.15 5.19 14.82
C PHE A 343 2.40 5.91 15.33
N ASN A 344 2.41 7.20 15.30
CA ASN A 344 3.57 7.96 15.75
C ASN A 344 3.06 9.31 16.19
N ASP A 345 3.50 9.74 17.35
CA ASP A 345 2.93 10.97 17.96
C ASP A 345 3.22 12.25 17.18
N ARG A 346 4.36 12.32 16.51
CA ARG A 346 4.69 13.66 15.90
C ARG A 346 4.38 13.74 14.39
N ALA A 347 4.04 12.60 13.77
CA ALA A 347 3.85 12.57 12.29
C ALA A 347 2.83 13.60 11.80
N LYS A 348 1.71 13.76 12.52
CA LYS A 348 0.71 14.68 12.02
C LYS A 348 1.22 16.10 11.96
N ALA A 349 1.77 16.59 13.08
CA ALA A 349 2.34 17.92 13.15
C ALA A 349 3.43 18.08 12.10
N ASP A 350 4.22 17.04 11.88
CA ASP A 350 5.29 17.10 10.91
C ASP A 350 4.75 17.18 9.48
N LEU A 351 3.66 16.47 9.22
CA LEU A 351 3.03 16.57 7.91
C LEU A 351 2.55 17.99 7.65
N ILE A 352 1.93 18.61 8.67
CA ILE A 352 1.51 20.00 8.56
C ILE A 352 2.71 20.95 8.30
N SER A 353 3.79 20.75 9.07
CA SER A 353 4.99 21.55 8.91
C SER A 353 5.51 21.45 7.50
N THR A 354 5.49 20.22 6.97
CA THR A 354 5.97 19.92 5.64
C THR A 354 5.13 20.72 4.63
N TYR A 355 3.81 20.72 4.78
CA TYR A 355 2.95 21.53 3.94
C TYR A 355 3.37 23.01 4.01
N ARG A 356 3.65 23.53 5.21
CA ARG A 356 3.92 24.95 5.39
C ARG A 356 5.23 25.34 4.73
N ASP A 357 6.15 24.41 4.51
CA ASP A 357 7.50 24.74 4.09
C ASP A 357 7.54 25.05 2.59
N ASN A 358 7.83 26.30 2.23
CA ASN A 358 7.75 26.68 0.83
C ASN A 358 9.09 26.47 0.14
N THR A 359 10.12 26.02 0.88
CA THR A 359 11.42 25.77 0.29
C THR A 359 11.51 24.40 -0.36
N ILE A 360 10.51 23.54 -0.09
CA ILE A 360 10.47 22.19 -0.61
C ILE A 360 9.23 22.04 -1.49
N ASN A 361 9.36 21.19 -2.49
CA ASN A 361 8.27 21.03 -3.50
C ASN A 361 7.35 19.86 -3.13
N ALA A 362 6.85 19.85 -1.91
CA ALA A 362 6.00 18.76 -1.44
C ALA A 362 4.53 19.02 -1.84
N LYS A 363 4.07 20.27 -1.97
CA LYS A 363 2.67 20.53 -2.25
C LYS A 363 2.37 20.39 -3.73
N HIS A 364 1.20 19.81 -3.97
CA HIS A 364 0.72 19.68 -5.35
C HIS A 364 -0.77 19.96 -5.36
N GLU A 365 -1.23 20.60 -6.42
CA GLU A 365 -2.63 20.85 -6.65
C GLU A 365 -3.13 19.90 -7.73
N LEU A 366 -4.32 19.37 -7.50
CA LEU A 366 -4.93 18.55 -8.53
C LEU A 366 -5.99 19.42 -9.22
N GLU A 367 -6.33 19.01 -10.44
CA GLU A 367 -7.48 19.54 -11.16
C GLU A 367 -8.65 19.66 -10.19
N GLY A 368 -9.35 20.80 -10.18
CA GLY A 368 -10.42 21.05 -9.23
C GLY A 368 -9.97 21.78 -7.97
N GLY A 369 -8.66 22.03 -7.85
CA GLY A 369 -8.09 22.81 -6.74
C GLY A 369 -7.78 21.99 -5.50
N TYR A 370 -7.85 20.67 -5.63
CA TYR A 370 -7.65 19.79 -4.48
C TYR A 370 -6.16 19.75 -4.17
N GLU A 371 -5.83 19.59 -2.88
CA GLU A 371 -4.40 19.60 -2.51
C GLU A 371 -3.90 18.28 -1.91
N ILE A 372 -2.68 17.95 -2.29
CA ILE A 372 -2.01 16.80 -1.69
C ILE A 372 -0.55 17.13 -1.42
N LEU A 373 0.15 16.24 -0.70
CA LEU A 373 1.59 16.29 -0.61
C LEU A 373 2.18 15.09 -1.34
N TRP A 374 3.42 15.25 -1.76
CA TRP A 374 4.09 14.13 -2.46
C TRP A 374 5.62 14.24 -2.34
N ARG A 375 6.28 13.23 -2.83
CA ARG A 375 7.75 13.12 -2.77
C ARG A 375 8.48 14.33 -3.37
N TYR A 376 9.54 14.70 -2.65
CA TYR A 376 10.39 15.80 -3.13
C TYR A 376 11.84 15.36 -2.81
N SER A 377 12.83 15.95 -3.48
CA SER A 377 14.22 15.54 -3.42
C SER A 377 15.14 16.56 -2.75
N HIS A 378 15.99 16.07 -1.86
CA HIS A 378 17.03 16.98 -1.27
C HIS A 378 18.30 16.96 -2.15
N ASP A 379 18.57 15.92 -2.91
CA ASP A 379 19.68 16.03 -3.85
C ASP A 379 19.34 17.04 -4.94
N GLN A 380 18.06 17.19 -5.32
CA GLN A 380 17.64 18.05 -6.42
C GLN A 380 16.50 18.86 -5.97
N PRO A 381 16.69 19.91 -5.17
CA PRO A 381 15.57 20.61 -4.61
C PRO A 381 14.67 21.28 -5.64
N GLU A 382 15.14 21.57 -6.84
CA GLU A 382 14.27 22.22 -7.81
C GLU A 382 13.38 21.21 -8.52
N TRP A 383 13.65 19.89 -8.36
CA TRP A 383 12.76 18.92 -8.98
C TRP A 383 11.35 18.99 -8.39
N LYS A 384 10.36 18.85 -9.27
CA LYS A 384 8.98 18.70 -8.81
C LYS A 384 8.37 17.55 -9.59
N ALA A 385 7.77 16.61 -8.87
CA ALA A 385 7.14 15.49 -9.53
C ALA A 385 6.07 15.95 -10.54
N GLU A 386 6.02 15.12 -11.57
CA GLU A 386 5.11 15.32 -12.69
C GLU A 386 4.00 14.26 -12.66
N PHE A 387 4.15 13.21 -11.82
CA PHE A 387 3.08 12.21 -11.71
C PHE A 387 3.31 11.48 -10.39
N ILE A 388 2.32 10.69 -10.01
CA ILE A 388 2.17 10.06 -8.70
C ILE A 388 1.64 8.65 -8.90
N GLU A 389 2.40 7.70 -8.43
CA GLU A 389 1.96 6.32 -8.55
C GLU A 389 0.98 5.93 -7.46
N GLY A 390 -0.17 5.41 -7.90
CA GLY A 390 -1.25 5.15 -6.96
C GLY A 390 -0.88 4.16 -5.87
N VAL A 391 -0.11 3.11 -6.20
CA VAL A 391 0.05 2.08 -5.18
C VAL A 391 0.75 2.70 -3.98
N ASP A 392 1.75 3.52 -4.30
CA ASP A 392 2.48 4.23 -3.25
C ASP A 392 1.61 5.28 -2.57
N PHE A 393 0.93 6.10 -3.34
CA PHE A 393 0.18 7.21 -2.76
C PHE A 393 -0.97 6.76 -1.83
N SER A 394 -1.42 5.53 -2.03
CA SER A 394 -2.45 4.93 -1.20
C SER A 394 -2.35 5.35 0.27
N THR A 395 -1.17 5.20 0.86
CA THR A 395 -1.09 5.39 2.28
C THR A 395 -1.25 6.79 2.81
N PHE A 396 -1.23 7.76 1.89
CA PHE A 396 -1.55 9.12 2.26
C PHE A 396 -3.00 9.23 2.71
N LEU A 397 -3.95 8.88 1.85
CA LEU A 397 -5.32 8.86 2.26
C LEU A 397 -5.54 7.96 3.46
N PHE A 398 -4.89 6.79 3.47
CA PHE A 398 -5.21 5.87 4.54
C PHE A 398 -4.80 6.40 5.90
N GLY A 399 -3.63 7.01 5.96
CA GLY A 399 -3.21 7.57 7.21
C GLY A 399 -4.06 8.73 7.72
N LEU A 400 -4.43 9.61 6.81
CA LEU A 400 -5.37 10.69 7.17
C LEU A 400 -6.74 10.15 7.58
N ALA A 401 -7.22 9.16 6.84
CA ALA A 401 -8.51 8.59 7.17
C ALA A 401 -8.47 7.91 8.53
N ALA A 402 -7.33 7.32 8.92
CA ALA A 402 -7.20 6.61 10.15
C ALA A 402 -6.93 7.54 11.33
N MET A 403 -6.90 8.84 11.18
CA MET A 403 -6.88 9.75 12.29
C MET A 403 -8.08 9.45 13.18
N PRO A 404 -7.94 9.51 14.54
CA PRO A 404 -9.00 9.12 15.53
C PRO A 404 -10.29 9.91 15.32
N GLU A 405 -10.16 11.15 14.87
CA GLU A 405 -11.36 11.95 14.70
C GLU A 405 -11.90 11.86 13.30
N HIS A 406 -11.24 11.10 12.40
CA HIS A 406 -11.72 10.89 11.06
C HIS A 406 -12.43 9.57 11.16
N LEU A 407 -12.01 8.55 10.43
CA LEU A 407 -12.60 7.24 10.45
C LEU A 407 -11.93 6.37 11.51
N GLY A 408 -10.66 6.66 11.84
CA GLY A 408 -9.96 5.88 12.84
C GLY A 408 -9.36 4.61 12.25
N MET A 409 -8.36 4.10 12.95
CA MET A 409 -7.83 2.81 12.57
C MET A 409 -8.85 1.72 12.78
N ASP A 410 -9.91 1.94 13.60
CA ASP A 410 -10.90 0.92 13.75
C ASP A 410 -11.69 0.77 12.46
N PHE A 411 -11.77 1.78 11.62
CA PHE A 411 -12.42 1.62 10.31
C PHE A 411 -11.71 0.50 9.52
N PHE A 412 -10.38 0.63 9.42
CA PHE A 412 -9.64 -0.35 8.66
C PHE A 412 -9.65 -1.69 9.38
N ASN A 413 -9.52 -1.73 10.70
CA ASN A 413 -9.44 -2.98 11.41
C ASN A 413 -10.83 -3.66 11.35
N LYS A 414 -11.93 -2.95 11.14
CA LYS A 414 -13.24 -3.52 10.95
C LYS A 414 -13.41 -4.08 9.55
N TYR A 415 -13.14 -3.25 8.55
CA TYR A 415 -13.45 -3.62 7.18
C TYR A 415 -12.38 -4.50 6.54
N ASN A 416 -11.19 -4.59 7.13
CA ASN A 416 -10.13 -5.47 6.64
C ASN A 416 -10.25 -6.85 7.30
N ASN A 417 -11.34 -7.07 8.04
CA ASN A 417 -11.53 -8.36 8.71
C ASN A 417 -12.29 -9.32 7.80
N TYR A 418 -11.61 -9.84 6.77
CA TYR A 418 -12.28 -10.57 5.71
C TYR A 418 -12.70 -11.96 6.20
N PHE A 419 -11.99 -12.52 7.16
CA PHE A 419 -12.04 -13.97 7.36
C PHE A 419 -12.65 -14.38 8.73
N GLU A 420 -13.15 -13.43 9.55
CA GLU A 420 -13.76 -13.69 10.86
C GLU A 420 -15.05 -12.89 11.03
N LEU A 421 -16.03 -13.45 11.80
CA LEU A 421 -17.19 -12.71 12.33
C LEU A 421 -16.80 -11.90 13.56
N GLU A 422 -17.73 -11.06 14.04
CA GLU A 422 -17.35 -10.02 14.99
C GLU A 422 -16.95 -10.62 16.36
N HIS A 423 -17.66 -11.65 16.82
CA HIS A 423 -17.41 -12.24 18.15
C HIS A 423 -16.44 -13.42 18.08
N HIS A 424 -15.72 -13.60 16.96
CA HIS A 424 -14.83 -14.73 16.72
C HIS A 424 -13.99 -14.99 17.97
N HIS A 425 -13.28 -13.96 18.46
CA HIS A 425 -12.31 -14.06 19.54
C HIS A 425 -12.91 -13.67 20.90
N HIS A 426 -14.22 -13.45 20.96
CA HIS A 426 -14.85 -13.10 22.21
C HIS A 426 -15.43 -14.35 22.89
N HIS A 427 -15.96 -14.19 24.08
CA HIS A 427 -16.73 -15.26 24.68
C HIS A 427 -17.89 -15.62 23.75
N HIS A 428 -18.31 -16.88 23.76
CA HIS A 428 -19.50 -17.27 22.97
C HIS A 428 -20.78 -16.69 23.61
CL CL B . 1.31 -0.73 -8.98
#